data_1SZD
#
_entry.id   1SZD
#
_cell.length_a   105.383
_cell.length_b   105.383
_cell.length_c   66.150
_cell.angle_alpha   90.00
_cell.angle_beta   90.00
_cell.angle_gamma   120.00
#
_symmetry.space_group_name_H-M   'P 32 2 1'
#
loop_
_entity.id
_entity.type
_entity.pdbx_description
1 polymer 'NAD-dependent deacetylase HST2'
2 polymer 'Histone H4 peptide'
3 non-polymer 'CHLORIDE ION'
4 non-polymer 'ZINC ION'
5 non-polymer ADENOSINE-5-DIPHOSPHORIBOSE
6 non-polymer GLYCEROL
7 water water
#
loop_
_entity_poly.entity_id
_entity_poly.type
_entity_poly.pdbx_seq_one_letter_code
_entity_poly.pdbx_strand_id
1 'polypeptide(L)'
;MASMSVSTASTEMSVRKIAAHMKSNPNAKVIFMVGAGISTSCGIPDFRSPGTGLYHNLARLKLPYPEAVFDVDFFQSDPL
PFYTLAKELYPGNFRPSKFHYLLKLFQDKDVLKRVYTQNIDTLERQAGVKDDLIIEAHGSFAHCHCIGCGKVYPPQVFKS
KLAEHPIKDFVKCDVCGELVKPAIVFFGEDLPDSFSETWLNDSEWLREKITTSGKHPQQPLVIVVGTSLAVYPFASLPEE
IPRKVKRVLCNLETVGDFKANKRPTDLIVHQYSDEFAEQLVEELGWQEDFEKILTAQ
;
A
2 'polypeptide(L)' KGGA(ALY)RHRKI B
#
loop_
_chem_comp.id
_chem_comp.type
_chem_comp.name
_chem_comp.formula
APR non-polymer ADENOSINE-5-DIPHOSPHORIBOSE 'C15 H23 N5 O14 P2'
CL non-polymer 'CHLORIDE ION' 'Cl -1'
GOL non-polymer GLYCEROL 'C3 H8 O3'
ZN non-polymer 'ZINC ION' 'Zn 2'
#
# COMPACT_ATOMS: atom_id res chain seq x y z
N MET A 1 10.48 -15.71 5.04
CA MET A 1 9.26 -15.53 4.20
C MET A 1 8.29 -16.70 4.33
N ALA A 2 8.75 -17.78 4.96
CA ALA A 2 7.92 -18.97 5.13
C ALA A 2 6.51 -18.60 5.58
N SER A 3 5.51 -19.20 4.94
CA SER A 3 4.13 -18.92 5.30
C SER A 3 3.32 -20.20 5.46
N MET A 4 2.12 -20.07 6.00
CA MET A 4 1.23 -21.19 6.16
C MET A 4 -0.19 -20.69 5.95
N SER A 5 -1.13 -21.60 5.74
CA SER A 5 -2.52 -21.21 5.51
C SER A 5 -3.13 -20.64 6.78
N VAL A 6 -4.08 -19.73 6.62
CA VAL A 6 -4.71 -19.12 7.78
C VAL A 6 -5.54 -20.12 8.60
N SER A 7 -6.12 -21.10 7.93
CA SER A 7 -6.90 -22.12 8.62
C SER A 7 -6.77 -23.45 7.89
N THR A 8 -7.53 -24.44 8.34
CA THR A 8 -7.50 -25.77 7.73
C THR A 8 -8.13 -25.73 6.34
N ALA A 9 -9.02 -24.77 6.11
CA ALA A 9 -9.68 -24.63 4.82
C ALA A 9 -8.64 -24.31 3.76
N SER A 10 -8.71 -25.00 2.63
CA SER A 10 -7.77 -24.77 1.54
C SER A 10 -8.29 -23.69 0.60
N THR A 11 -7.42 -22.79 0.19
CA THR A 11 -7.79 -21.70 -0.72
C THR A 11 -7.23 -21.96 -2.11
N GLU A 12 -6.58 -23.10 -2.30
CA GLU A 12 -5.98 -23.46 -3.57
C GLU A 12 -6.96 -23.48 -4.73
N MET A 13 -8.18 -23.96 -4.50
CA MET A 13 -9.19 -24.02 -5.55
C MET A 13 -9.60 -22.61 -5.97
N SER A 14 -9.78 -21.73 -4.98
CA SER A 14 -10.16 -20.35 -5.27
C SER A 14 -9.04 -19.68 -6.05
N VAL A 15 -7.80 -19.94 -5.64
CA VAL A 15 -6.65 -19.36 -6.31
C VAL A 15 -6.54 -19.92 -7.72
N ARG A 16 -6.96 -21.17 -7.89
CA ARG A 16 -6.93 -21.82 -9.21
C ARG A 16 -7.69 -21.00 -10.23
N LYS A 17 -8.87 -20.52 -9.83
CA LYS A 17 -9.71 -19.72 -10.72
C LYS A 17 -8.93 -18.52 -11.24
N ILE A 18 -8.27 -17.80 -10.35
CA ILE A 18 -7.49 -16.63 -10.75
C ILE A 18 -6.49 -17.01 -11.83
N ALA A 19 -5.74 -18.08 -11.59
CA ALA A 19 -4.75 -18.55 -12.56
C ALA A 19 -5.46 -18.94 -13.86
N ALA A 20 -6.64 -19.53 -13.74
CA ALA A 20 -7.41 -19.95 -14.90
C ALA A 20 -7.82 -18.74 -15.72
N HIS A 21 -8.27 -17.69 -15.04
CA HIS A 21 -8.69 -16.47 -15.70
C HIS A 21 -7.52 -15.89 -16.50
N MET A 22 -6.36 -15.84 -15.86
CA MET A 22 -5.16 -15.31 -16.50
C MET A 22 -4.73 -16.17 -17.68
N LYS A 23 -4.91 -17.48 -17.57
CA LYS A 23 -4.54 -18.39 -18.65
C LYS A 23 -5.47 -18.25 -19.84
N SER A 24 -6.73 -17.92 -19.58
CA SER A 24 -7.71 -17.75 -20.64
C SER A 24 -7.50 -16.40 -21.33
N ASN A 25 -7.03 -15.43 -20.56
CA ASN A 25 -6.78 -14.08 -21.07
C ASN A 25 -5.27 -13.79 -20.97
N PRO A 26 -4.47 -14.51 -21.77
CA PRO A 26 -3.00 -14.35 -21.77
C PRO A 26 -2.45 -12.94 -21.99
N ASN A 27 -3.13 -12.14 -22.79
CA ASN A 27 -2.66 -10.77 -23.05
C ASN A 27 -3.28 -9.75 -22.11
N ALA A 28 -3.90 -10.23 -21.03
CA ALA A 28 -4.52 -9.34 -20.07
C ALA A 28 -3.52 -8.91 -19.00
N LYS A 29 -3.88 -7.87 -18.28
CA LYS A 29 -3.05 -7.37 -17.20
C LYS A 29 -3.89 -7.28 -15.94
N VAL A 30 -3.22 -7.08 -14.81
CA VAL A 30 -3.91 -7.00 -13.53
C VAL A 30 -3.59 -5.70 -12.82
N ILE A 31 -4.59 -5.16 -12.14
CA ILE A 31 -4.40 -3.95 -11.34
C ILE A 31 -4.51 -4.43 -9.89
N PHE A 32 -3.53 -4.06 -9.07
CA PHE A 32 -3.55 -4.44 -7.65
C PHE A 32 -3.84 -3.20 -6.82
N MET A 33 -4.58 -3.40 -5.73
CA MET A 33 -4.89 -2.32 -4.80
C MET A 33 -4.52 -2.96 -3.46
N VAL A 34 -3.49 -2.41 -2.81
CA VAL A 34 -3.00 -3.01 -1.58
C VAL A 34 -2.91 -2.10 -0.37
N GLY A 35 -2.93 -2.74 0.80
CA GLY A 35 -2.84 -2.04 2.07
C GLY A 35 -1.81 -2.63 3.02
N ALA A 36 -1.87 -2.21 4.28
CA ALA A 36 -0.89 -2.64 5.28
C ALA A 36 -0.73 -4.13 5.48
N GLY A 37 -1.76 -4.91 5.15
CA GLY A 37 -1.68 -6.34 5.31
C GLY A 37 -0.55 -7.02 4.54
N ILE A 38 -0.17 -6.48 3.39
CA ILE A 38 0.90 -7.10 2.61
C ILE A 38 2.30 -6.86 3.17
N SER A 39 2.41 -6.01 4.18
CA SER A 39 3.71 -5.72 4.77
C SER A 39 3.82 -6.26 6.20
N THR A 40 2.76 -6.88 6.70
CA THR A 40 2.82 -7.40 8.06
C THR A 40 3.93 -8.43 8.23
N SER A 41 4.11 -9.32 7.24
CA SER A 41 5.15 -10.35 7.34
C SER A 41 6.56 -9.76 7.33
N CYS A 42 6.68 -8.49 6.97
CA CYS A 42 7.98 -7.82 6.92
C CYS A 42 8.45 -7.42 8.32
N GLY A 43 7.56 -7.54 9.30
CA GLY A 43 7.91 -7.21 10.66
C GLY A 43 7.73 -5.74 11.00
N ILE A 44 7.03 -5.00 10.16
CA ILE A 44 6.79 -3.58 10.41
C ILE A 44 5.84 -3.48 11.59
N PRO A 45 6.25 -2.78 12.66
CA PRO A 45 5.35 -2.66 13.81
C PRO A 45 4.16 -1.75 13.55
N ASP A 46 2.99 -2.21 13.97
CA ASP A 46 1.75 -1.45 13.81
C ASP A 46 1.68 -0.42 14.95
N PHE A 47 1.71 0.85 14.59
CA PHE A 47 1.68 1.94 15.57
C PHE A 47 0.42 1.94 16.42
N ARG A 48 -0.62 1.23 15.98
CA ARG A 48 -1.87 1.15 16.71
C ARG A 48 -1.94 -0.06 17.63
N SER A 49 -0.90 -0.89 17.62
CA SER A 49 -0.89 -2.10 18.43
C SER A 49 -0.08 -2.01 19.72
N PRO A 50 -0.74 -2.20 20.87
CA PRO A 50 -0.07 -2.15 22.19
C PRO A 50 1.12 -3.08 22.36
N GLY A 51 1.26 -4.08 21.50
CA GLY A 51 2.38 -4.98 21.66
C GLY A 51 3.71 -4.45 21.12
N THR A 52 3.67 -3.30 20.46
CA THR A 52 4.89 -2.74 19.86
C THR A 52 5.57 -1.65 20.67
N GLY A 53 6.88 -1.57 20.52
CA GLY A 53 7.64 -0.55 21.21
C GLY A 53 7.23 0.80 20.67
N LEU A 54 6.87 0.86 19.38
CA LEU A 54 6.44 2.10 18.76
C LEU A 54 5.19 2.66 19.45
N TYR A 55 4.19 1.82 19.65
CA TYR A 55 2.97 2.26 20.31
C TYR A 55 3.26 2.84 21.68
N HIS A 56 4.07 2.14 22.47
CA HIS A 56 4.37 2.63 23.81
C HIS A 56 5.22 3.88 23.84
N ASN A 57 6.11 4.02 22.87
CA ASN A 57 6.95 5.22 22.81
C ASN A 57 6.03 6.40 22.52
N LEU A 58 5.10 6.21 21.59
CA LEU A 58 4.17 7.27 21.22
C LEU A 58 3.27 7.62 22.40
N ALA A 59 2.84 6.60 23.15
CA ALA A 59 1.98 6.83 24.30
C ALA A 59 2.74 7.62 25.36
N ARG A 60 4.01 7.26 25.59
CA ARG A 60 4.82 7.96 26.57
C ARG A 60 5.06 9.40 26.17
N LEU A 61 5.08 9.67 24.86
CA LEU A 61 5.30 11.02 24.37
C LEU A 61 4.00 11.83 24.42
N LYS A 62 2.97 11.23 25.00
CA LYS A 62 1.67 11.86 25.18
C LYS A 62 0.79 12.02 23.94
N LEU A 63 1.00 11.17 22.94
CA LEU A 63 0.17 11.22 21.75
C LEU A 63 -1.22 10.82 22.25
N PRO A 64 -2.27 11.60 21.90
CA PRO A 64 -3.66 11.36 22.31
C PRO A 64 -4.24 10.01 21.88
N TYR A 65 -3.99 9.65 20.62
CA TYR A 65 -4.46 8.41 20.03
C TYR A 65 -3.54 8.15 18.84
N PRO A 66 -3.37 6.88 18.45
CA PRO A 66 -2.50 6.51 17.34
C PRO A 66 -2.51 7.37 16.08
N GLU A 67 -3.66 7.54 15.47
CA GLU A 67 -3.72 8.32 14.23
C GLU A 67 -3.38 9.79 14.33
N ALA A 68 -3.22 10.32 15.54
CA ALA A 68 -2.85 11.72 15.69
C ALA A 68 -1.43 11.92 15.17
N VAL A 69 -0.69 10.82 15.03
CA VAL A 69 0.69 10.90 14.54
C VAL A 69 0.68 11.32 13.07
N PHE A 70 -0.47 11.15 12.42
CA PHE A 70 -0.64 11.51 11.02
C PHE A 70 -1.67 12.63 10.90
N ASP A 71 -1.70 13.50 11.91
CA ASP A 71 -2.62 14.62 11.93
C ASP A 71 -1.80 15.90 11.80
N VAL A 72 -2.13 16.73 10.81
CA VAL A 72 -1.41 17.97 10.57
C VAL A 72 -1.42 18.94 11.76
N ASP A 73 -2.60 19.18 12.31
CA ASP A 73 -2.72 20.10 13.44
C ASP A 73 -1.90 19.60 14.62
N PHE A 74 -1.96 18.30 14.89
CA PHE A 74 -1.18 17.78 16.01
C PHE A 74 0.31 17.89 15.72
N PHE A 75 0.70 17.55 14.51
CA PHE A 75 2.11 17.61 14.12
C PHE A 75 2.67 19.02 14.36
N GLN A 76 1.94 20.04 13.92
CA GLN A 76 2.38 21.42 14.12
C GLN A 76 2.51 21.78 15.59
N SER A 77 1.66 21.19 16.42
CA SER A 77 1.68 21.47 17.85
C SER A 77 2.77 20.67 18.56
N ASP A 78 3.11 19.53 17.99
CA ASP A 78 4.14 18.67 18.59
C ASP A 78 4.62 17.65 17.55
N PRO A 79 5.73 17.97 16.88
CA PRO A 79 6.28 17.06 15.86
C PRO A 79 7.05 15.84 16.36
N LEU A 80 7.39 15.80 17.66
CA LEU A 80 8.18 14.68 18.17
C LEU A 80 7.59 13.28 17.94
N PRO A 81 6.29 13.08 18.23
CA PRO A 81 5.73 11.74 18.01
C PRO A 81 5.95 11.28 16.57
N PHE A 82 5.69 12.15 15.59
CA PHE A 82 5.89 11.76 14.21
C PHE A 82 7.36 11.47 13.91
N TYR A 83 8.26 12.32 14.41
CA TYR A 83 9.68 12.08 14.18
C TYR A 83 10.07 10.72 14.75
N THR A 84 9.49 10.39 15.89
CA THR A 84 9.75 9.12 16.56
C THR A 84 9.28 7.96 15.69
N LEU A 85 8.10 8.10 15.11
CA LEU A 85 7.56 7.07 14.24
C LEU A 85 8.42 6.96 12.97
N ALA A 86 8.82 8.10 12.44
CA ALA A 86 9.63 8.10 11.23
C ALA A 86 10.96 7.40 11.43
N LYS A 87 11.55 7.55 12.62
CA LYS A 87 12.82 6.90 12.90
C LYS A 87 12.67 5.39 12.81
N GLU A 88 11.58 4.87 13.36
CA GLU A 88 11.36 3.43 13.34
C GLU A 88 10.87 2.88 12.02
N LEU A 89 10.04 3.64 11.31
CA LEU A 89 9.48 3.16 10.06
C LEU A 89 10.13 3.67 8.78
N TYR A 90 11.25 4.37 8.91
CA TYR A 90 11.88 4.90 7.71
C TYR A 90 12.15 3.80 6.69
N PRO A 91 11.78 4.03 5.42
CA PRO A 91 12.01 3.04 4.36
C PRO A 91 13.47 2.60 4.35
N GLY A 92 13.70 1.32 4.12
CA GLY A 92 15.06 0.80 4.11
C GLY A 92 15.36 0.02 5.38
N ASN A 93 14.51 0.15 6.38
CA ASN A 93 14.69 -0.56 7.64
C ASN A 93 14.13 -1.97 7.57
N PHE A 94 13.36 -2.26 6.53
CA PHE A 94 12.76 -3.56 6.37
C PHE A 94 13.03 -4.09 4.98
N ARG A 95 12.58 -5.32 4.73
CA ARG A 95 12.77 -5.93 3.43
C ARG A 95 11.43 -6.41 2.88
N PRO A 96 11.27 -6.37 1.55
CA PRO A 96 10.03 -6.80 0.88
C PRO A 96 9.59 -8.22 1.22
N SER A 97 8.28 -8.44 1.20
CA SER A 97 7.71 -9.74 1.48
C SER A 97 7.60 -10.53 0.18
N LYS A 98 7.25 -11.80 0.29
CA LYS A 98 7.08 -12.67 -0.87
C LYS A 98 6.02 -12.05 -1.78
N PHE A 99 4.98 -11.46 -1.18
CA PHE A 99 3.94 -10.85 -2.00
C PHE A 99 4.49 -9.65 -2.77
N HIS A 100 5.34 -8.84 -2.15
CA HIS A 100 5.91 -7.71 -2.86
C HIS A 100 6.67 -8.22 -4.07
N TYR A 101 7.38 -9.33 -3.91
CA TYR A 101 8.14 -9.89 -5.02
C TYR A 101 7.22 -10.43 -6.10
N LEU A 102 6.00 -10.84 -5.72
CA LEU A 102 5.04 -11.34 -6.68
C LEU A 102 4.71 -10.21 -7.66
N LEU A 103 4.60 -8.99 -7.13
CA LEU A 103 4.31 -7.84 -7.97
C LEU A 103 5.42 -7.68 -8.99
N LYS A 104 6.66 -7.89 -8.56
CA LYS A 104 7.82 -7.78 -9.43
C LYS A 104 7.77 -8.89 -10.49
N LEU A 105 7.33 -10.08 -10.08
CA LEU A 105 7.22 -11.20 -11.01
C LEU A 105 6.21 -10.85 -12.11
N PHE A 106 5.05 -10.37 -11.70
CA PHE A 106 4.00 -9.98 -12.64
C PHE A 106 4.51 -8.92 -13.60
N GLN A 107 5.37 -8.03 -13.08
CA GLN A 107 5.94 -6.98 -13.90
C GLN A 107 6.82 -7.65 -14.96
N ASP A 108 7.68 -8.57 -14.51
CA ASP A 108 8.58 -9.28 -15.41
C ASP A 108 7.80 -10.03 -16.50
N LYS A 109 6.64 -10.57 -16.14
CA LYS A 109 5.79 -11.30 -17.08
C LYS A 109 4.92 -10.33 -17.88
N ASP A 110 5.08 -9.04 -17.62
CA ASP A 110 4.31 -8.01 -18.29
C ASP A 110 2.80 -8.16 -18.12
N VAL A 111 2.38 -8.59 -16.93
CA VAL A 111 0.96 -8.72 -16.65
C VAL A 111 0.53 -7.78 -15.53
N LEU A 112 1.39 -6.81 -15.23
CA LEU A 112 1.09 -5.82 -14.19
C LEU A 112 0.71 -4.49 -14.84
N LYS A 113 -0.53 -4.07 -14.65
CA LYS A 113 -0.98 -2.81 -15.21
C LYS A 113 -0.65 -1.67 -14.26
N ARG A 114 -0.90 -1.89 -12.97
CA ARG A 114 -0.64 -0.86 -11.97
C ARG A 114 -0.82 -1.45 -10.58
N VAL A 115 -0.17 -0.84 -9.60
CA VAL A 115 -0.36 -1.26 -8.23
C VAL A 115 -0.63 0.03 -7.46
N TYR A 116 -1.83 0.11 -6.90
CA TYR A 116 -2.23 1.26 -6.10
C TYR A 116 -1.99 0.83 -4.67
N THR A 117 -1.18 1.57 -3.95
CA THR A 117 -0.87 1.21 -2.56
C THR A 117 -1.16 2.35 -1.61
N GLN A 118 -1.70 2.01 -0.44
CA GLN A 118 -1.93 3.07 0.53
C GLN A 118 -0.84 3.01 1.60
N ASN A 119 0.11 2.09 1.43
CA ASN A 119 1.23 1.95 2.37
C ASN A 119 2.28 3.02 2.12
N ILE A 120 3.00 3.39 3.18
CA ILE A 120 4.05 4.40 3.05
C ILE A 120 5.42 3.77 3.30
N ASP A 121 5.50 2.46 3.22
CA ASP A 121 6.77 1.76 3.42
C ASP A 121 7.64 1.70 2.18
N THR A 122 7.06 2.01 1.02
CA THR A 122 7.77 2.01 -0.25
C THR A 122 8.35 0.64 -0.61
N LEU A 123 7.79 -0.42 -0.03
CA LEU A 123 8.30 -1.76 -0.30
C LEU A 123 8.04 -2.28 -1.73
N GLU A 124 7.03 -1.76 -2.41
CA GLU A 124 6.78 -2.19 -3.78
C GLU A 124 7.96 -1.71 -4.62
N ARG A 125 8.32 -0.44 -4.45
CA ARG A 125 9.43 0.15 -5.17
C ARG A 125 10.75 -0.50 -4.75
N GLN A 126 10.89 -0.78 -3.46
CA GLN A 126 12.14 -1.38 -2.98
C GLN A 126 12.32 -2.78 -3.58
N ALA A 127 11.21 -3.44 -3.86
CA ALA A 127 11.23 -4.78 -4.43
C ALA A 127 11.50 -4.80 -5.93
N GLY A 128 11.55 -3.63 -6.55
CA GLY A 128 11.83 -3.58 -7.98
C GLY A 128 10.70 -3.16 -8.90
N VAL A 129 9.51 -2.91 -8.36
CA VAL A 129 8.42 -2.49 -9.21
C VAL A 129 8.75 -1.11 -9.77
N LYS A 130 8.59 -0.95 -11.08
CA LYS A 130 8.91 0.31 -11.75
C LYS A 130 8.04 1.49 -11.34
N ASP A 131 8.65 2.67 -11.31
CA ASP A 131 7.96 3.89 -10.93
C ASP A 131 6.67 4.13 -11.72
N ASP A 132 6.69 3.82 -13.01
CA ASP A 132 5.52 4.03 -13.85
C ASP A 132 4.32 3.16 -13.46
N LEU A 133 4.58 2.03 -12.82
CA LEU A 133 3.51 1.11 -12.45
C LEU A 133 3.01 1.24 -11.01
N ILE A 134 3.65 2.11 -10.23
CA ILE A 134 3.27 2.31 -8.84
C ILE A 134 2.54 3.62 -8.58
N ILE A 135 1.47 3.55 -7.80
CA ILE A 135 0.76 4.74 -7.38
C ILE A 135 0.77 4.70 -5.85
N GLU A 136 1.62 5.52 -5.27
CA GLU A 136 1.74 5.61 -3.81
C GLU A 136 0.71 6.66 -3.40
N ALA A 137 -0.52 6.18 -3.19
CA ALA A 137 -1.66 7.04 -2.85
C ALA A 137 -1.46 7.94 -1.65
N HIS A 138 -0.68 7.48 -0.69
CA HIS A 138 -0.46 8.28 0.50
C HIS A 138 0.94 8.85 0.62
N GLY A 139 1.60 8.99 -0.52
CA GLY A 139 2.94 9.56 -0.53
C GLY A 139 4.03 8.61 -0.07
N SER A 140 5.20 9.17 0.23
CA SER A 140 6.35 8.38 0.66
C SER A 140 7.39 9.29 1.30
N PHE A 141 8.52 8.72 1.70
CA PHE A 141 9.62 9.48 2.30
C PHE A 141 10.66 9.89 1.25
N ALA A 142 10.33 9.70 -0.02
CA ALA A 142 11.27 10.02 -1.10
C ALA A 142 11.53 11.52 -1.24
N HIS A 143 10.59 12.32 -0.76
CA HIS A 143 10.71 13.77 -0.83
C HIS A 143 10.21 14.38 0.47
N CYS A 144 10.58 15.64 0.72
CA CYS A 144 10.11 16.37 1.89
C CYS A 144 9.55 17.68 1.37
N HIS A 145 8.67 18.29 2.14
CA HIS A 145 8.10 19.56 1.71
C HIS A 145 7.68 20.40 2.90
N CYS A 146 7.65 21.71 2.70
CA CYS A 146 7.23 22.63 3.75
C CYS A 146 5.71 22.59 3.81
N ILE A 147 5.15 22.36 5.00
CA ILE A 147 3.71 22.31 5.15
C ILE A 147 3.06 23.69 5.02
N GLY A 148 3.90 24.72 4.97
CA GLY A 148 3.41 26.07 4.83
C GLY A 148 3.39 26.60 3.40
N CYS A 149 4.56 26.72 2.79
CA CYS A 149 4.66 27.24 1.43
C CYS A 149 4.82 26.16 0.36
N GLY A 150 5.17 24.96 0.79
CA GLY A 150 5.32 23.87 -0.17
C GLY A 150 6.70 23.71 -0.79
N LYS A 151 7.67 24.53 -0.38
CA LYS A 151 9.01 24.39 -0.94
C LYS A 151 9.43 22.95 -0.77
N VAL A 152 10.02 22.38 -1.83
CA VAL A 152 10.48 20.99 -1.78
C VAL A 152 11.89 20.90 -1.24
N TYR A 153 12.15 19.84 -0.49
CA TYR A 153 13.46 19.62 0.09
C TYR A 153 13.91 18.19 -0.12
N PRO A 154 15.24 17.98 -0.20
CA PRO A 154 15.73 16.61 -0.38
C PRO A 154 15.36 15.91 0.93
N PRO A 155 15.15 14.60 0.88
CA PRO A 155 14.78 13.88 2.11
C PRO A 155 15.89 13.72 3.15
N GLN A 156 17.14 13.91 2.75
CA GLN A 156 18.26 13.71 3.66
C GLN A 156 18.36 14.54 4.94
N VAL A 157 18.02 15.82 4.89
CA VAL A 157 18.11 16.64 6.11
C VAL A 157 17.15 16.12 7.19
N PHE A 158 15.93 15.79 6.79
CA PHE A 158 14.96 15.26 7.74
C PHE A 158 15.46 13.93 8.30
N LYS A 159 15.92 13.06 7.40
CA LYS A 159 16.42 11.76 7.84
C LYS A 159 17.60 11.88 8.80
N SER A 160 18.48 12.85 8.55
CA SER A 160 19.64 13.03 9.41
C SER A 160 19.27 13.39 10.84
N LYS A 161 18.17 14.13 11.00
CA LYS A 161 17.74 14.52 12.33
C LYS A 161 17.21 13.34 13.16
N LEU A 162 16.79 12.28 12.48
CA LEU A 162 16.27 11.10 13.14
C LEU A 162 17.33 10.32 13.90
N ALA A 163 18.60 10.58 13.57
CA ALA A 163 19.70 9.87 14.22
C ALA A 163 20.27 10.63 15.42
N GLU A 164 19.72 11.81 15.71
CA GLU A 164 20.20 12.59 16.84
C GLU A 164 19.54 12.18 18.15
N HIS A 165 20.31 12.24 19.23
CA HIS A 165 19.79 11.87 20.55
C HIS A 165 20.04 12.98 21.56
N PRO A 166 18.96 13.63 22.02
CA PRO A 166 17.57 13.37 21.63
C PRO A 166 17.20 14.12 20.34
N ILE A 167 16.04 13.80 19.79
CA ILE A 167 15.57 14.46 18.58
C ILE A 167 14.96 15.81 18.98
N LYS A 168 15.52 16.88 18.44
CA LYS A 168 15.03 18.23 18.75
C LYS A 168 15.39 19.22 17.64
N ASP A 169 14.90 20.44 17.76
CA ASP A 169 15.16 21.47 16.75
C ASP A 169 14.74 20.95 15.39
N PHE A 170 13.46 20.59 15.29
CA PHE A 170 12.87 20.04 14.07
C PHE A 170 13.13 20.89 12.84
N VAL A 171 13.18 20.24 11.68
CA VAL A 171 13.44 20.93 10.43
C VAL A 171 12.39 21.97 10.08
N LYS A 172 12.85 23.18 9.82
CA LYS A 172 11.98 24.30 9.47
C LYS A 172 12.37 24.80 8.08
N CYS A 173 11.37 25.30 7.36
CA CYS A 173 11.56 25.82 6.01
C CYS A 173 12.42 27.10 6.00
N ASP A 174 13.40 27.18 5.08
CA ASP A 174 14.27 28.34 5.01
C ASP A 174 13.63 29.52 4.31
N VAL A 175 12.36 29.38 3.94
CA VAL A 175 11.64 30.47 3.29
C VAL A 175 10.61 31.08 4.24
N CYS A 176 9.69 30.24 4.73
CA CYS A 176 8.62 30.74 5.60
C CYS A 176 8.70 30.31 7.06
N GLY A 177 9.64 29.43 7.39
CA GLY A 177 9.81 29.01 8.78
C GLY A 177 8.90 27.92 9.33
N GLU A 178 7.98 27.42 8.52
CA GLU A 178 7.07 26.38 8.98
C GLU A 178 7.79 25.02 8.95
N LEU A 179 7.17 24.02 9.56
CA LEU A 179 7.77 22.69 9.62
C LEU A 179 7.83 21.99 8.26
N VAL A 180 8.93 21.27 8.06
CA VAL A 180 9.14 20.50 6.85
C VAL A 180 8.92 19.04 7.24
N LYS A 181 8.24 18.27 6.39
CA LYS A 181 8.02 16.86 6.69
C LYS A 181 8.06 16.01 5.44
N PRO A 182 8.25 14.69 5.61
CA PRO A 182 8.30 13.80 4.44
C PRO A 182 6.99 13.94 3.68
N ALA A 183 7.04 13.76 2.37
CA ALA A 183 5.86 13.89 1.53
C ALA A 183 4.83 12.77 1.71
N ILE A 184 4.48 12.51 2.97
CA ILE A 184 3.48 11.51 3.34
C ILE A 184 2.14 12.25 3.49
N VAL A 185 1.06 11.64 3.01
CA VAL A 185 -0.25 12.25 3.11
C VAL A 185 -0.82 12.03 4.51
N PHE A 186 -1.07 13.12 5.24
CA PHE A 186 -1.64 13.04 6.58
C PHE A 186 -3.15 13.13 6.47
N PHE A 187 -3.85 12.69 7.51
CA PHE A 187 -5.30 12.76 7.51
C PHE A 187 -5.64 14.24 7.41
N GLY A 188 -6.57 14.57 6.52
CA GLY A 188 -6.94 15.96 6.34
C GLY A 188 -6.25 16.59 5.15
N GLU A 189 -5.23 15.92 4.62
CA GLU A 189 -4.50 16.43 3.46
C GLU A 189 -5.00 15.74 2.20
N ASP A 190 -4.88 16.43 1.06
CA ASP A 190 -5.31 15.84 -0.20
C ASP A 190 -4.23 14.90 -0.71
N LEU A 191 -4.63 13.91 -1.49
CA LEU A 191 -3.69 12.96 -2.06
C LEU A 191 -3.01 13.60 -3.26
N PRO A 192 -1.86 13.07 -3.68
CA PRO A 192 -1.18 13.65 -4.84
C PRO A 192 -2.07 13.57 -6.08
N ASP A 193 -1.95 14.56 -6.95
CA ASP A 193 -2.74 14.63 -8.17
C ASP A 193 -2.68 13.35 -9.01
N SER A 194 -1.53 12.67 -8.98
CA SER A 194 -1.35 11.44 -9.76
C SER A 194 -2.31 10.32 -9.40
N PHE A 195 -2.84 10.33 -8.18
CA PHE A 195 -3.77 9.29 -7.75
C PHE A 195 -5.03 9.36 -8.61
N SER A 196 -5.76 10.47 -8.52
CA SER A 196 -6.98 10.64 -9.29
C SER A 196 -6.73 10.59 -10.80
N GLU A 197 -5.64 11.21 -11.23
CA GLU A 197 -5.29 11.23 -12.66
C GLU A 197 -5.09 9.84 -13.24
N THR A 198 -4.30 9.02 -12.55
CA THR A 198 -4.02 7.68 -13.03
C THR A 198 -5.24 6.75 -12.93
N TRP A 199 -6.04 6.91 -11.89
CA TRP A 199 -7.24 6.09 -11.75
C TRP A 199 -8.21 6.45 -12.87
N LEU A 200 -8.24 7.72 -13.25
CA LEU A 200 -9.12 8.16 -14.33
C LEU A 200 -8.71 7.41 -15.60
N ASN A 201 -7.41 7.36 -15.86
CA ASN A 201 -6.89 6.67 -17.03
C ASN A 201 -7.10 5.16 -16.95
N ASP A 202 -6.77 4.56 -15.82
CA ASP A 202 -6.95 3.12 -15.67
C ASP A 202 -8.41 2.70 -15.69
N SER A 203 -9.31 3.62 -15.33
CA SER A 203 -10.74 3.35 -15.33
C SER A 203 -11.23 3.21 -16.76
N GLU A 204 -10.75 4.09 -17.64
CA GLU A 204 -11.12 4.03 -19.03
C GLU A 204 -10.50 2.77 -19.61
N TRP A 205 -9.26 2.50 -19.22
CA TRP A 205 -8.53 1.32 -19.67
C TRP A 205 -9.33 0.06 -19.35
N LEU A 206 -9.82 -0.02 -18.12
CA LEU A 206 -10.61 -1.17 -17.70
C LEU A 206 -11.87 -1.35 -18.54
N ARG A 207 -12.63 -0.26 -18.69
CA ARG A 207 -13.86 -0.29 -19.46
C ARG A 207 -13.68 -0.66 -20.92
N GLU A 208 -12.62 -0.15 -21.54
CA GLU A 208 -12.37 -0.46 -22.94
C GLU A 208 -12.00 -1.93 -23.15
N LYS A 209 -11.38 -2.54 -22.14
CA LYS A 209 -10.99 -3.94 -22.26
C LYS A 209 -12.22 -4.85 -22.21
N ILE A 210 -13.24 -4.42 -21.49
CA ILE A 210 -14.48 -5.20 -21.35
C ILE A 210 -15.03 -5.57 -22.71
N THR A 211 -15.07 -4.60 -23.61
CA THR A 211 -15.59 -4.82 -24.95
C THR A 211 -14.47 -5.33 -25.86
N THR A 212 -13.57 -6.11 -25.28
CA THR A 212 -12.43 -6.69 -26.01
C THR A 212 -11.80 -5.67 -26.96
N GLN A 218 -8.58 -10.72 -23.44
CA GLN A 218 -7.71 -9.97 -22.55
C GLN A 218 -8.51 -9.28 -21.44
N GLN A 219 -9.52 -9.96 -20.92
CA GLN A 219 -10.33 -9.39 -19.85
C GLN A 219 -9.43 -9.16 -18.64
N PRO A 220 -9.42 -7.93 -18.11
CA PRO A 220 -8.60 -7.53 -16.97
C PRO A 220 -9.01 -8.21 -15.67
N LEU A 221 -8.25 -7.91 -14.62
CA LEU A 221 -8.51 -8.46 -13.31
C LEU A 221 -8.02 -7.43 -12.30
N VAL A 222 -8.82 -7.16 -11.28
CA VAL A 222 -8.42 -6.23 -10.23
C VAL A 222 -8.37 -7.04 -8.94
N ILE A 223 -7.19 -7.08 -8.33
CA ILE A 223 -6.99 -7.84 -7.10
C ILE A 223 -6.68 -6.89 -5.95
N VAL A 224 -7.56 -6.90 -4.95
CA VAL A 224 -7.46 -6.06 -3.75
C VAL A 224 -6.84 -6.95 -2.65
N VAL A 225 -5.73 -6.51 -2.07
CA VAL A 225 -5.03 -7.32 -1.07
C VAL A 225 -4.59 -6.59 0.20
N GLY A 226 -4.90 -7.18 1.35
CA GLY A 226 -4.49 -6.62 2.62
C GLY A 226 -4.85 -5.20 3.00
N THR A 227 -6.10 -4.81 2.75
CA THR A 227 -6.54 -3.46 3.10
C THR A 227 -7.92 -3.55 3.74
N SER A 228 -8.15 -2.74 4.75
CA SER A 228 -9.44 -2.74 5.42
C SER A 228 -10.43 -1.81 4.71
N LEU A 229 -9.96 -1.14 3.67
CA LEU A 229 -10.79 -0.22 2.90
C LEU A 229 -11.56 0.72 3.82
N ALA A 230 -10.85 1.28 4.79
CA ALA A 230 -11.46 2.20 5.75
C ALA A 230 -10.94 3.62 5.60
N VAL A 231 -10.01 3.84 4.67
CA VAL A 231 -9.46 5.17 4.46
C VAL A 231 -9.82 5.66 3.06
N TYR A 232 -10.50 6.80 3.01
CA TYR A 232 -10.91 7.40 1.75
C TYR A 232 -9.98 8.56 1.42
N PRO A 233 -9.91 8.94 0.13
CA PRO A 233 -10.64 8.36 -1.00
C PRO A 233 -10.10 7.05 -1.57
N PHE A 234 -9.01 6.53 -1.02
CA PHE A 234 -8.44 5.29 -1.52
C PHE A 234 -9.49 4.19 -1.53
N ALA A 235 -10.27 4.12 -0.46
CA ALA A 235 -11.29 3.08 -0.32
C ALA A 235 -12.42 3.15 -1.35
N SER A 236 -12.51 4.26 -2.07
CA SER A 236 -13.54 4.41 -3.09
C SER A 236 -13.23 3.62 -4.36
N LEU A 237 -11.98 3.22 -4.54
CA LEU A 237 -11.59 2.50 -5.75
C LEU A 237 -12.34 1.20 -6.06
N PRO A 238 -12.51 0.32 -5.07
CA PRO A 238 -13.21 -0.95 -5.33
C PRO A 238 -14.62 -0.82 -5.91
N GLU A 239 -15.43 0.06 -5.34
CA GLU A 239 -16.79 0.25 -5.82
C GLU A 239 -16.80 0.88 -7.22
N GLU A 240 -15.74 1.61 -7.55
CA GLU A 240 -15.64 2.26 -8.84
C GLU A 240 -15.14 1.34 -9.96
N ILE A 241 -14.82 0.10 -9.60
CA ILE A 241 -14.38 -0.87 -10.59
C ILE A 241 -15.61 -1.26 -11.41
N PRO A 242 -15.47 -1.36 -12.75
CA PRO A 242 -16.63 -1.72 -13.58
C PRO A 242 -17.23 -3.06 -13.16
N ARG A 243 -18.56 -3.12 -13.11
CA ARG A 243 -19.25 -4.33 -12.71
C ARG A 243 -18.83 -5.50 -13.59
N LYS A 244 -18.51 -5.23 -14.85
CA LYS A 244 -18.12 -6.26 -15.78
C LYS A 244 -16.64 -6.66 -15.69
N VAL A 245 -15.94 -6.10 -14.71
CA VAL A 245 -14.53 -6.43 -14.49
C VAL A 245 -14.46 -7.24 -13.20
N LYS A 246 -13.94 -8.46 -13.29
CA LYS A 246 -13.85 -9.33 -12.13
C LYS A 246 -12.99 -8.78 -11.01
N ARG A 247 -13.53 -8.77 -9.80
CA ARG A 247 -12.82 -8.28 -8.63
C ARG A 247 -12.42 -9.47 -7.75
N VAL A 248 -11.21 -9.41 -7.21
CA VAL A 248 -10.72 -10.46 -6.32
C VAL A 248 -10.28 -9.76 -5.03
N LEU A 249 -10.63 -10.35 -3.89
CA LEU A 249 -10.23 -9.80 -2.61
C LEU A 249 -9.46 -10.86 -1.85
N CYS A 250 -8.20 -10.58 -1.55
CA CYS A 250 -7.40 -11.49 -0.76
C CYS A 250 -7.19 -10.72 0.53
N ASN A 251 -7.93 -11.12 1.56
CA ASN A 251 -7.86 -10.44 2.84
C ASN A 251 -8.36 -11.39 3.92
N LEU A 252 -7.85 -11.24 5.13
CA LEU A 252 -8.26 -12.14 6.21
C LEU A 252 -9.75 -12.00 6.53
N GLU A 253 -10.31 -10.84 6.19
CA GLU A 253 -11.73 -10.58 6.43
C GLU A 253 -12.35 -9.92 5.21
N THR A 254 -13.65 -10.10 5.03
CA THR A 254 -14.36 -9.49 3.92
C THR A 254 -14.63 -8.06 4.35
N VAL A 255 -14.18 -7.10 3.55
CA VAL A 255 -14.32 -5.70 3.90
C VAL A 255 -14.84 -4.78 2.80
N GLY A 256 -15.14 -3.55 3.18
CA GLY A 256 -15.59 -2.54 2.25
C GLY A 256 -16.72 -2.91 1.31
N ASP A 257 -16.56 -2.54 0.04
CA ASP A 257 -17.59 -2.81 -0.96
C ASP A 257 -17.81 -4.30 -1.19
N PHE A 258 -16.83 -5.13 -0.84
CA PHE A 258 -16.99 -6.57 -1.02
C PHE A 258 -17.97 -7.11 0.02
N LYS A 259 -18.15 -6.35 1.09
CA LYS A 259 -19.05 -6.72 2.17
C LYS A 259 -20.38 -6.01 2.00
N ALA A 260 -20.31 -4.70 1.73
CA ALA A 260 -21.50 -3.87 1.57
C ALA A 260 -22.32 -4.19 0.32
N ASN A 261 -21.65 -4.33 -0.82
CA ASN A 261 -22.34 -4.59 -2.07
C ASN A 261 -21.64 -5.67 -2.90
N LYS A 262 -21.70 -6.91 -2.44
CA LYS A 262 -21.05 -8.00 -3.15
C LYS A 262 -21.59 -8.21 -4.55
N ARG A 263 -20.70 -8.53 -5.48
CA ARG A 263 -21.08 -8.78 -6.86
C ARG A 263 -20.98 -10.26 -7.18
N PRO A 264 -21.88 -10.77 -8.03
CA PRO A 264 -21.91 -12.19 -8.42
C PRO A 264 -20.55 -12.77 -8.80
N THR A 265 -19.74 -11.99 -9.50
CA THR A 265 -18.43 -12.45 -9.94
C THR A 265 -17.31 -12.19 -8.94
N ASP A 266 -17.63 -11.54 -7.82
CA ASP A 266 -16.61 -11.26 -6.81
C ASP A 266 -16.03 -12.56 -6.27
N LEU A 267 -14.71 -12.64 -6.20
CA LEU A 267 -14.04 -13.81 -5.66
C LEU A 267 -13.34 -13.41 -4.37
N ILE A 268 -13.80 -13.95 -3.26
CA ILE A 268 -13.22 -13.65 -1.96
C ILE A 268 -12.28 -14.76 -1.51
N VAL A 269 -11.06 -14.39 -1.15
CA VAL A 269 -10.07 -15.36 -0.71
C VAL A 269 -9.51 -14.95 0.66
N HIS A 270 -9.95 -15.64 1.71
CA HIS A 270 -9.45 -15.35 3.05
C HIS A 270 -8.14 -16.09 3.22
N GLN A 271 -7.03 -15.37 3.01
CA GLN A 271 -5.72 -15.99 3.10
C GLN A 271 -4.65 -14.93 3.35
N TYR A 272 -3.52 -15.33 3.92
CA TYR A 272 -2.43 -14.40 4.15
C TYR A 272 -1.89 -14.05 2.78
N SER A 273 -1.51 -12.79 2.58
CA SER A 273 -0.99 -12.38 1.28
C SER A 273 0.23 -13.18 0.80
N ASP A 274 1.14 -13.56 1.70
CA ASP A 274 2.30 -14.33 1.27
C ASP A 274 1.91 -15.75 0.86
N GLU A 275 0.94 -16.34 1.56
CA GLU A 275 0.50 -17.68 1.23
C GLU A 275 -0.24 -17.62 -0.11
N PHE A 276 -1.02 -16.56 -0.28
CA PHE A 276 -1.76 -16.32 -1.52
C PHE A 276 -0.75 -16.25 -2.67
N ALA A 277 0.33 -15.50 -2.47
CA ALA A 277 1.36 -15.37 -3.48
C ALA A 277 1.96 -16.73 -3.84
N GLU A 278 2.31 -17.49 -2.81
CA GLU A 278 2.88 -18.83 -3.00
C GLU A 278 1.94 -19.69 -3.83
N GLN A 279 0.67 -19.70 -3.46
CA GLN A 279 -0.33 -20.51 -4.16
C GLN A 279 -0.61 -20.05 -5.58
N LEU A 280 -0.62 -18.75 -5.80
CA LEU A 280 -0.89 -18.22 -7.13
C LEU A 280 0.27 -18.52 -8.08
N VAL A 281 1.49 -18.38 -7.58
CA VAL A 281 2.66 -18.66 -8.40
C VAL A 281 2.68 -20.14 -8.78
N GLU A 282 2.20 -20.98 -7.86
CA GLU A 282 2.14 -22.41 -8.08
C GLU A 282 1.16 -22.72 -9.20
N GLU A 283 -0.04 -22.15 -9.11
CA GLU A 283 -1.07 -22.39 -10.11
C GLU A 283 -0.70 -21.82 -11.48
N LEU A 284 0.12 -20.76 -11.49
CA LEU A 284 0.53 -20.15 -12.75
C LEU A 284 1.72 -20.87 -13.36
N GLY A 285 2.41 -21.67 -12.55
CA GLY A 285 3.57 -22.39 -13.03
C GLY A 285 4.80 -21.54 -13.19
N TRP A 286 4.88 -20.45 -12.42
CA TRP A 286 6.04 -19.56 -12.49
C TRP A 286 6.97 -19.74 -11.31
N GLN A 287 6.96 -20.93 -10.71
CA GLN A 287 7.80 -21.21 -9.56
C GLN A 287 9.28 -20.96 -9.84
N GLU A 288 9.75 -21.38 -11.01
CA GLU A 288 11.15 -21.20 -11.38
C GLU A 288 11.57 -19.74 -11.42
N ASP A 289 10.84 -18.92 -12.16
CA ASP A 289 11.17 -17.50 -12.26
C ASP A 289 11.03 -16.82 -10.90
N PHE A 290 10.01 -17.22 -10.14
CA PHE A 290 9.78 -16.65 -8.83
C PHE A 290 10.93 -16.98 -7.88
N GLU A 291 11.36 -18.24 -7.91
CA GLU A 291 12.45 -18.69 -7.07
C GLU A 291 13.70 -17.85 -7.36
N LYS A 292 13.90 -17.53 -8.63
CA LYS A 292 15.05 -16.73 -9.05
C LYS A 292 15.00 -15.34 -8.42
N ILE A 293 13.82 -14.75 -8.39
CA ILE A 293 13.63 -13.42 -7.82
C ILE A 293 13.91 -13.45 -6.32
N LEU A 294 13.34 -14.43 -5.63
CA LEU A 294 13.52 -14.56 -4.18
C LEU A 294 14.98 -14.78 -3.80
N THR A 295 15.71 -15.54 -4.61
CA THR A 295 17.11 -15.81 -4.33
C THR A 295 18.02 -14.71 -4.85
N ALA A 296 17.46 -13.78 -5.61
CA ALA A 296 18.23 -12.67 -6.17
C ALA A 296 18.34 -11.54 -5.16
N LYS B 1 -12.67 14.52 -6.93
CA LYS B 1 -11.29 13.94 -6.81
C LYS B 1 -11.22 13.02 -5.60
N GLY B 2 -12.24 13.10 -4.75
CA GLY B 2 -12.29 12.26 -3.57
C GLY B 2 -12.21 13.00 -2.24
N GLY B 3 -11.52 14.14 -2.23
CA GLY B 3 -11.41 14.88 -0.99
C GLY B 3 -10.14 14.54 -0.22
N ALA B 4 -10.05 15.05 1.00
CA ALA B 4 -8.88 14.81 1.84
C ALA B 4 -8.88 13.45 2.51
OH ALY B 5 -2.50 6.42 6.14
CH ALY B 5 -1.84 7.53 6.02
CH3 ALY B 5 -0.36 7.60 6.28
NZ ALY B 5 -2.45 8.74 5.63
CE ALY B 5 -3.90 8.65 5.35
CD ALY B 5 -4.30 9.85 4.53
CG ALY B 5 -5.79 10.03 4.41
CB ALY B 5 -6.06 11.36 3.76
CA ALY B 5 -7.52 11.69 3.49
N ALY B 5 -7.68 12.96 2.81
C ALY B 5 -8.38 11.60 4.75
O ALY B 5 -8.27 12.46 5.62
N ARG B 6 -9.19 10.56 4.87
CA ARG B 6 -10.09 10.45 6.01
C ARG B 6 -10.75 9.08 6.14
N HIS B 7 -11.49 8.88 7.22
CA HIS B 7 -12.23 7.65 7.46
C HIS B 7 -13.68 7.92 7.05
N ARG B 8 -14.39 6.86 6.66
CA ARG B 8 -15.79 7.02 6.24
C ARG B 8 -15.90 7.87 4.98
CL CL C . -2.20 -2.99 -22.43
ZN ZN D . 7.87 27.18 3.61
N1 APR E . -2.76 -11.13 4.44
C2 APR E . -4.02 -10.64 4.00
N3 APR E . -4.78 -9.65 4.72
C4 APR E . -4.13 -9.19 5.92
C5 APR E . -2.89 -9.62 6.46
C6 APR E . -2.18 -10.63 5.67
N6 APR E . -0.91 -11.16 6.05
N7 APR E . -2.63 -8.96 7.64
C8 APR E . -3.67 -8.15 7.82
N9 APR E . -4.60 -8.26 6.81
C1' APR E . -5.88 -7.58 6.57
C2' APR E . -6.69 -7.20 7.73
O2' APR E . -7.76 -8.16 7.95
C3' APR E . -7.21 -5.86 7.47
O3' APR E . -8.53 -5.80 6.88
O4' APR E . -5.44 -6.37 6.02
C4' APR E . -6.20 -5.25 6.51
C5' APR E . -5.21 -4.22 7.09
O5' APR E . -5.94 -3.10 7.63
PA APR E . -5.25 -1.89 8.25
O1A APR E . -4.28 -2.31 9.27
O2A APR E . -6.27 -0.95 8.75
O3A APR E . -4.54 -1.04 7.20
PB APR E . -4.78 -0.31 5.96
O1B APR E . -6.16 -0.47 5.51
O2B APR E . -4.05 -0.52 4.80
O5D APR E . -4.77 1.00 6.69
C5D APR E . -3.84 1.79 7.22
O4D APR E . -2.75 2.69 8.82
O1D APR E . -1.67 4.49 7.95
C1D APR E . -2.56 4.08 8.97
O2D APR E . -4.05 4.93 10.03
C2D APR E . -3.69 4.80 8.65
O3D APR E . -6.04 3.92 9.11
C3D APR E . -4.82 3.93 8.39
C4D APR E . -4.18 2.59 8.34
C1 GOL F . -10.91 9.15 -6.94
O1 GOL F . -10.13 9.92 -7.83
C2 GOL F . -12.20 8.75 -7.30
O2 GOL F . -12.21 8.23 -8.55
C3 GOL F . -12.79 9.06 -6.28
O3 GOL F . -14.15 9.03 -5.71
C1 GOL G . 9.48 -3.07 19.54
O1 GOL G . 10.82 -2.81 19.88
C2 GOL G . 9.02 -4.37 19.35
O2 GOL G . 9.63 -5.23 20.21
C3 GOL G . 8.23 -4.17 18.46
O3 GOL G . 7.27 -4.89 17.60
C1 GOL H . 16.20 5.99 10.56
O1 GOL H . 15.58 4.74 10.65
C2 GOL H . 17.58 6.09 10.75
O2 GOL H . 18.24 5.53 9.72
C3 GOL H . 17.59 6.67 11.82
O3 GOL H . 18.53 7.22 12.81
#